data_4OC7
#
_entry.id   4OC7
#
_cell.length_a   67.554
_cell.length_b   67.554
_cell.length_c   110.075
_cell.angle_alpha   90.000
_cell.angle_beta   90.000
_cell.angle_gamma   90.000
#
_symmetry.space_group_name_H-M   'P 43 21 2'
#
loop_
_entity.id
_entity.type
_entity.pdbx_description
1 polymer 'Retinoic acid receptor RXR-alpha'
2 polymer 'Nuclear receptor coactivator 2'
3 non-polymer "(2E)-3-[6-hydroxy-3'-(prop-2-en-1-yl)biphenyl-3-yl]prop-2-enoic acid"
4 water water
#
loop_
_entity_poly.entity_id
_entity_poly.type
_entity_poly.pdbx_seq_one_letter_code
_entity_poly.pdbx_strand_id
1 'polypeptide(L)'
;GSHMTSSANEGSHMTSSANEDMPVERILEAELAVEPKTETYVEANMGLNPSSPNDPVTNICQAADKQLFTLVEWAKRIPH
FSELPLDDQVILLRAGWNELLIASFSHRSIAVKDGILLATGLHVHRNSAHSAGVGAIFDRVLTELVSKMRDMQMDKTELG
CLRAIVLFNPDSKGLSNPAEVEALREKVYASLEAYCKHKYPEQPGRFAKLLLRLPALRSIGLKCLEHLFFFKLIGDTPID
TFLMEMLEAPHQMT
;
A
2 'polypeptide(L)' KHKILHRLLQDSS B
#
# COMPACT_ATOMS: atom_id res chain seq x y z
N ASP A 21 4.23 19.58 -12.31
CA ASP A 21 5.00 18.46 -12.84
C ASP A 21 4.87 17.24 -11.94
N MET A 22 5.23 16.07 -12.46
CA MET A 22 5.19 14.83 -11.69
C MET A 22 6.37 13.93 -12.07
N PRO A 23 7.57 14.25 -11.54
CA PRO A 23 8.80 13.53 -11.87
C PRO A 23 8.88 12.15 -11.23
N VAL A 24 9.13 11.13 -12.05
CA VAL A 24 9.25 9.76 -11.53
C VAL A 24 10.44 9.62 -10.59
N GLU A 25 11.35 10.59 -10.62
CA GLU A 25 12.55 10.53 -9.79
C GLU A 25 12.22 10.74 -8.31
N ARG A 26 11.30 11.65 -8.02
CA ARG A 26 10.96 11.96 -6.64
C ARG A 26 10.04 10.91 -6.04
N ILE A 27 9.28 10.23 -6.89
CA ILE A 27 8.45 9.14 -6.45
C ILE A 27 9.33 8.01 -5.91
N LEU A 28 10.39 7.68 -6.64
CA LEU A 28 11.30 6.63 -6.18
C LEU A 28 12.01 7.07 -4.90
N GLU A 29 12.29 8.37 -4.78
CA GLU A 29 12.89 8.92 -3.58
C GLU A 29 12.00 8.65 -2.37
N ALA A 30 10.70 8.82 -2.57
CA ALA A 30 9.72 8.56 -1.52
C ALA A 30 9.80 7.11 -1.06
N GLU A 31 10.01 6.21 -2.01
CA GLU A 31 10.12 4.78 -1.71
C GLU A 31 11.43 4.45 -0.99
N LEU A 32 12.53 5.05 -1.43
CA LEU A 32 13.83 4.77 -0.84
C LEU A 32 13.94 5.32 0.58
N ALA A 33 13.37 6.51 0.78
CA ALA A 33 13.49 7.22 2.05
C ALA A 33 12.88 6.47 3.22
N VAL A 34 11.96 5.54 2.93
CA VAL A 34 11.21 4.86 3.97
C VAL A 34 11.60 3.39 4.17
N GLU A 35 12.65 2.95 3.50
CA GLU A 35 13.14 1.59 3.67
C GLU A 35 13.88 1.44 4.99
N PRO A 36 13.64 0.33 5.71
CA PRO A 36 14.22 0.07 7.03
C PRO A 36 15.75 -0.08 7.00
N ASN A 54 7.06 -14.96 16.92
CA ASN A 54 5.97 -15.42 17.80
C ASN A 54 4.75 -15.90 17.03
N ASP A 55 3.62 -15.23 17.26
CA ASP A 55 2.37 -15.55 16.59
C ASP A 55 2.20 -14.68 15.35
N PRO A 56 2.04 -15.31 14.17
CA PRO A 56 1.92 -14.64 12.87
C PRO A 56 0.99 -13.43 12.88
N VAL A 57 -0.20 -13.59 13.46
CA VAL A 57 -1.20 -12.55 13.44
C VAL A 57 -0.81 -11.37 14.34
N THR A 58 -0.25 -11.67 15.49
CA THR A 58 0.23 -10.63 16.40
C THR A 58 1.32 -9.81 15.72
N ASN A 59 2.26 -10.50 15.07
CA ASN A 59 3.32 -9.83 14.31
C ASN A 59 2.74 -8.96 13.20
N ILE A 60 1.68 -9.46 12.56
CA ILE A 60 1.02 -8.75 11.47
C ILE A 60 0.37 -7.46 11.96
N CYS A 61 -0.39 -7.55 13.05
CA CYS A 61 -0.99 -6.36 13.64
C CYS A 61 0.10 -5.40 14.10
N GLN A 62 1.18 -5.96 14.64
CA GLN A 62 2.30 -5.16 15.11
C GLN A 62 2.96 -4.40 13.96
N ALA A 63 3.21 -5.10 12.86
CA ALA A 63 3.93 -4.51 11.73
C ALA A 63 3.07 -3.49 10.98
N ALA A 64 1.76 -3.67 11.04
CA ALA A 64 0.83 -2.80 10.32
C ALA A 64 0.72 -1.45 11.01
N ASP A 65 0.73 -1.48 12.33
CA ASP A 65 0.74 -0.25 13.11
C ASP A 65 2.06 0.49 12.89
N LYS A 66 3.15 -0.25 12.96
CA LYS A 66 4.48 0.28 12.71
C LYS A 66 4.60 0.97 11.35
N GLN A 67 4.03 0.34 10.32
CA GLN A 67 4.17 0.85 8.95
C GLN A 67 3.25 2.05 8.66
N LEU A 68 2.21 2.21 9.46
CA LEU A 68 1.27 3.32 9.27
C LEU A 68 1.95 4.67 9.50
N PHE A 69 2.94 4.70 10.39
CA PHE A 69 3.73 5.91 10.61
C PHE A 69 4.58 6.20 9.39
N THR A 70 5.23 5.16 8.88
CA THR A 70 6.07 5.24 7.69
C THR A 70 5.28 5.69 6.47
N LEU A 71 4.03 5.26 6.40
CA LEU A 71 3.15 5.62 5.29
C LEU A 71 2.89 7.11 5.22
N VAL A 72 2.72 7.73 6.39
CA VAL A 72 2.50 9.18 6.46
C VAL A 72 3.70 9.92 5.91
N GLU A 73 4.88 9.54 6.38
CA GLU A 73 6.13 10.15 5.93
C GLU A 73 6.34 9.89 4.44
N TRP A 74 5.98 8.69 3.99
CA TRP A 74 6.07 8.37 2.57
C TRP A 74 5.15 9.28 1.77
N ALA A 75 3.93 9.45 2.27
CA ALA A 75 2.92 10.23 1.57
C ALA A 75 3.37 11.67 1.36
N LYS A 76 3.99 12.26 2.38
CA LYS A 76 4.42 13.65 2.33
C LYS A 76 5.49 13.88 1.27
N ARG A 77 6.28 12.86 1.00
CA ARG A 77 7.36 12.96 0.02
C ARG A 77 6.84 12.73 -1.40
N ILE A 78 5.52 12.62 -1.55
CA ILE A 78 4.92 12.48 -2.86
C ILE A 78 4.53 13.86 -3.39
N PRO A 79 4.96 14.19 -4.62
CA PRO A 79 4.71 15.50 -5.24
C PRO A 79 3.25 15.94 -5.16
N HIS A 80 3.07 17.18 -4.71
CA HIS A 80 1.77 17.86 -4.66
C HIS A 80 0.82 17.30 -3.60
N PHE A 81 1.25 16.31 -2.84
CA PHE A 81 0.38 15.72 -1.82
C PHE A 81 0.20 16.67 -0.64
N SER A 82 1.31 17.14 -0.08
CA SER A 82 1.28 18.00 1.10
C SER A 82 0.53 19.31 0.84
N GLU A 83 0.36 19.65 -0.43
CA GLU A 83 -0.29 20.89 -0.82
C GLU A 83 -1.81 20.72 -0.95
N LEU A 84 -2.30 19.53 -0.62
CA LEU A 84 -3.74 19.28 -0.57
C LEU A 84 -4.28 19.71 0.80
N PRO A 85 -5.56 20.10 0.86
CA PRO A 85 -6.16 20.46 2.15
C PRO A 85 -6.04 19.30 3.14
N LEU A 86 -5.64 19.62 4.37
CA LEU A 86 -5.36 18.62 5.40
C LEU A 86 -6.47 17.56 5.54
N ASP A 87 -7.72 17.98 5.33
CA ASP A 87 -8.86 17.07 5.49
C ASP A 87 -8.90 16.00 4.41
N ASP A 88 -8.47 16.36 3.21
CA ASP A 88 -8.47 15.43 2.08
C ASP A 88 -7.24 14.51 2.14
N GLN A 89 -6.14 15.02 2.65
CA GLN A 89 -4.96 14.21 2.94
C GLN A 89 -5.35 13.08 3.89
N VAL A 90 -6.20 13.41 4.86
CA VAL A 90 -6.68 12.43 5.83
C VAL A 90 -7.59 11.41 5.15
N ILE A 91 -8.51 11.90 4.31
CA ILE A 91 -9.46 11.03 3.62
C ILE A 91 -8.77 10.05 2.67
N LEU A 92 -7.80 10.54 1.90
CA LEU A 92 -7.04 9.70 0.99
C LEU A 92 -6.24 8.64 1.76
N LEU A 93 -5.58 9.07 2.84
CA LEU A 93 -4.78 8.14 3.63
C LEU A 93 -5.66 7.12 4.34
N ARG A 94 -6.88 7.50 4.69
CA ARG A 94 -7.77 6.57 5.36
C ARG A 94 -8.44 5.62 4.36
N ALA A 95 -8.57 6.08 3.12
CA ALA A 95 -9.16 5.27 2.06
C ALA A 95 -8.19 4.22 1.53
N GLY A 96 -6.91 4.57 1.44
CA GLY A 96 -5.95 3.71 0.75
C GLY A 96 -4.91 3.00 1.59
N TRP A 97 -4.86 3.30 2.88
CA TRP A 97 -3.78 2.80 3.74
C TRP A 97 -3.62 1.29 3.66
N ASN A 98 -4.73 0.57 3.57
CA ASN A 98 -4.65 -0.88 3.59
C ASN A 98 -4.01 -1.41 2.31
N GLU A 99 -4.43 -0.89 1.17
CA GLU A 99 -3.87 -1.32 -0.11
C GLU A 99 -2.42 -0.85 -0.26
N LEU A 100 -2.12 0.32 0.27
CA LEU A 100 -0.77 0.88 0.16
C LEU A 100 0.24 0.04 0.92
N LEU A 101 -0.16 -0.45 2.09
CA LEU A 101 0.69 -1.28 2.91
C LEU A 101 0.80 -2.69 2.35
N ILE A 102 -0.26 -3.16 1.69
CA ILE A 102 -0.25 -4.49 1.13
C ILE A 102 0.69 -4.54 -0.08
N ALA A 103 0.66 -3.49 -0.87
CA ALA A 103 1.58 -3.35 -2.01
C ALA A 103 3.03 -3.37 -1.56
N SER A 104 3.34 -2.67 -0.48
CA SER A 104 4.72 -2.54 -0.02
C SER A 104 5.34 -3.87 0.41
N PHE A 105 4.65 -4.66 1.21
CA PHE A 105 5.25 -5.89 1.70
C PHE A 105 5.16 -7.01 0.66
N SER A 106 4.31 -6.83 -0.35
CA SER A 106 4.24 -7.78 -1.45
C SER A 106 5.50 -7.65 -2.30
N HIS A 107 5.88 -6.42 -2.61
CA HIS A 107 7.06 -6.17 -3.42
C HIS A 107 8.31 -6.48 -2.61
N ARG A 108 8.20 -6.33 -1.29
CA ARG A 108 9.32 -6.57 -0.38
C ARG A 108 9.66 -8.05 -0.32
N SER A 109 8.66 -8.89 -0.60
CA SER A 109 8.78 -10.32 -0.43
C SER A 109 9.07 -11.08 -1.73
N ILE A 110 9.36 -10.36 -2.82
CA ILE A 110 9.61 -11.04 -4.10
C ILE A 110 10.89 -11.89 -4.04
N ALA A 111 11.76 -11.56 -3.10
CA ALA A 111 12.99 -12.34 -2.90
C ALA A 111 12.85 -13.26 -1.70
N VAL A 112 11.67 -13.84 -1.55
CA VAL A 112 11.37 -14.76 -0.45
C VAL A 112 10.58 -15.94 -1.01
N LYS A 113 10.85 -17.15 -0.51
CA LYS A 113 10.14 -18.32 -0.95
C LYS A 113 8.90 -18.58 -0.09
N ASP A 114 7.78 -18.83 -0.77
CA ASP A 114 6.48 -19.14 -0.15
C ASP A 114 6.25 -18.49 1.23
N GLY A 115 6.30 -17.16 1.26
CA GLY A 115 6.07 -16.42 2.49
C GLY A 115 6.26 -14.93 2.28
N ILE A 116 5.94 -14.14 3.30
CA ILE A 116 6.09 -12.70 3.22
C ILE A 116 7.03 -12.15 4.27
N LEU A 117 7.72 -11.07 3.93
CA LEU A 117 8.63 -10.40 4.85
C LEU A 117 7.95 -9.18 5.47
N LEU A 118 7.74 -9.22 6.78
CA LEU A 118 7.12 -8.10 7.49
C LEU A 118 8.15 -7.00 7.76
N ALA A 119 7.67 -5.83 8.14
CA ALA A 119 8.55 -4.69 8.39
C ALA A 119 9.30 -4.84 9.71
N THR A 120 8.74 -5.63 10.62
CA THR A 120 9.39 -5.94 11.88
C THR A 120 10.63 -6.80 11.65
N GLY A 121 10.65 -7.50 10.52
CA GLY A 121 11.79 -8.32 10.16
C GLY A 121 11.52 -9.81 10.29
N LEU A 122 10.32 -10.16 10.73
CA LEU A 122 9.94 -11.56 10.87
C LEU A 122 9.29 -12.09 9.59
N HIS A 123 9.67 -13.29 9.17
CA HIS A 123 9.05 -13.90 8.01
C HIS A 123 7.83 -14.70 8.44
N VAL A 124 6.79 -14.64 7.61
CA VAL A 124 5.61 -15.46 7.81
C VAL A 124 5.44 -16.37 6.60
N HIS A 125 5.63 -17.66 6.79
CA HIS A 125 5.60 -18.59 5.67
C HIS A 125 4.23 -19.24 5.51
N ARG A 126 4.08 -19.95 4.40
CA ARG A 126 2.82 -20.53 3.97
C ARG A 126 2.15 -21.40 5.04
N ASN A 127 2.97 -22.13 5.79
CA ASN A 127 2.46 -23.06 6.79
C ASN A 127 2.02 -22.32 8.04
N SER A 128 2.81 -21.32 8.43
CA SER A 128 2.53 -20.55 9.63
C SER A 128 1.24 -19.74 9.48
N ALA A 129 0.99 -19.25 8.27
CA ALA A 129 -0.21 -18.48 7.99
C ALA A 129 -1.41 -19.39 7.89
N HIS A 130 -1.18 -20.58 7.36
CA HIS A 130 -2.23 -21.58 7.24
C HIS A 130 -2.61 -22.11 8.63
N SER A 131 -1.62 -22.22 9.51
CA SER A 131 -1.86 -22.69 10.87
C SER A 131 -2.45 -21.59 11.75
N ALA A 132 -2.48 -20.38 11.24
CA ALA A 132 -3.03 -19.24 11.96
C ALA A 132 -4.50 -19.03 11.57
N GLY A 133 -4.92 -19.70 10.51
CA GLY A 133 -6.27 -19.61 10.02
C GLY A 133 -6.48 -18.51 8.98
N VAL A 134 -5.41 -18.13 8.28
CA VAL A 134 -5.51 -17.11 7.25
C VAL A 134 -4.84 -17.54 5.96
N GLY A 135 -4.73 -18.85 5.76
CA GLY A 135 -4.07 -19.40 4.60
C GLY A 135 -4.66 -18.97 3.27
N ALA A 136 -5.98 -18.80 3.24
CA ALA A 136 -6.68 -18.43 2.01
C ALA A 136 -6.25 -17.08 1.49
N ILE A 137 -6.40 -16.05 2.31
CA ILE A 137 -6.04 -14.70 1.89
C ILE A 137 -4.53 -14.59 1.68
N PHE A 138 -3.77 -15.39 2.42
CA PHE A 138 -2.31 -15.42 2.30
C PHE A 138 -1.89 -16.00 0.95
N ASP A 139 -2.61 -17.02 0.50
CA ASP A 139 -2.33 -17.63 -0.78
C ASP A 139 -2.64 -16.69 -1.93
N ARG A 140 -3.74 -15.95 -1.81
CA ARG A 140 -4.10 -14.96 -2.82
C ARG A 140 -3.00 -13.92 -2.99
N VAL A 141 -2.41 -13.49 -1.88
CA VAL A 141 -1.32 -12.54 -1.92
C VAL A 141 -0.12 -13.11 -2.68
N LEU A 142 0.23 -14.36 -2.38
CA LEU A 142 1.37 -15.01 -3.03
C LEU A 142 1.19 -15.14 -4.55
N THR A 143 0.03 -15.62 -4.98
CA THR A 143 -0.20 -15.87 -6.40
C THR A 143 -0.56 -14.62 -7.19
N GLU A 144 -1.52 -13.85 -6.68
CA GLU A 144 -2.01 -12.69 -7.42
C GLU A 144 -1.06 -11.49 -7.32
N LEU A 145 -0.29 -11.39 -6.25
CA LEU A 145 0.55 -10.22 -6.06
C LEU A 145 2.05 -10.53 -6.06
N VAL A 146 2.53 -11.22 -5.03
CA VAL A 146 3.97 -11.45 -4.85
C VAL A 146 4.65 -12.14 -6.03
N SER A 147 4.05 -13.23 -6.51
CA SER A 147 4.57 -13.97 -7.65
C SER A 147 4.53 -13.15 -8.94
N LYS A 148 3.44 -12.42 -9.14
CA LYS A 148 3.26 -11.62 -10.35
C LYS A 148 4.27 -10.48 -10.39
N MET A 149 4.59 -9.93 -9.23
CA MET A 149 5.60 -8.88 -9.14
C MET A 149 6.98 -9.43 -9.46
N ARG A 150 7.29 -10.58 -8.87
CA ARG A 150 8.57 -11.23 -9.09
C ARG A 150 8.78 -11.59 -10.55
N ASP A 151 7.74 -12.12 -11.20
CA ASP A 151 7.88 -12.66 -12.55
C ASP A 151 7.90 -11.59 -13.65
N MET A 152 7.52 -10.37 -13.33
CA MET A 152 7.64 -9.28 -14.30
C MET A 152 8.77 -8.35 -13.87
N GLN A 153 9.39 -8.69 -12.74
CA GLN A 153 10.50 -7.91 -12.19
C GLN A 153 10.11 -6.45 -12.03
N MET A 154 8.94 -6.21 -11.48
CA MET A 154 8.47 -4.86 -11.18
C MET A 154 9.49 -4.14 -10.29
N ASP A 155 9.92 -2.95 -10.70
CA ASP A 155 10.92 -2.20 -9.95
C ASP A 155 10.29 -1.24 -8.94
N LYS A 156 11.13 -0.62 -8.11
CA LYS A 156 10.65 0.26 -7.05
C LYS A 156 10.03 1.54 -7.59
N THR A 157 10.38 1.93 -8.81
CA THR A 157 9.75 3.07 -9.46
C THR A 157 8.32 2.74 -9.87
N GLU A 158 8.14 1.56 -10.47
CA GLU A 158 6.82 1.11 -10.90
C GLU A 158 5.93 0.89 -9.68
N LEU A 159 6.50 0.32 -8.64
CA LEU A 159 5.80 0.14 -7.36
C LEU A 159 5.39 1.49 -6.80
N GLY A 160 6.31 2.45 -6.87
CA GLY A 160 6.07 3.80 -6.40
C GLY A 160 4.90 4.47 -7.11
N CYS A 161 4.87 4.37 -8.43
CA CYS A 161 3.81 5.00 -9.21
C CYS A 161 2.47 4.37 -8.90
N LEU A 162 2.46 3.03 -8.79
CA LEU A 162 1.23 2.31 -8.50
C LEU A 162 0.67 2.71 -7.16
N ARG A 163 1.53 2.87 -6.18
CA ARG A 163 1.10 3.30 -4.85
C ARG A 163 0.64 4.75 -4.88
N ALA A 164 1.22 5.54 -5.77
CA ALA A 164 0.80 6.93 -5.94
C ALA A 164 -0.57 7.01 -6.60
N ILE A 165 -0.82 6.12 -7.55
CA ILE A 165 -2.11 6.07 -8.24
C ILE A 165 -3.22 5.68 -7.26
N VAL A 166 -2.90 4.71 -6.39
CA VAL A 166 -3.82 4.26 -5.37
C VAL A 166 -4.07 5.36 -4.33
N LEU A 167 -3.01 6.08 -3.96
CA LEU A 167 -3.14 7.17 -3.00
C LEU A 167 -4.04 8.29 -3.57
N PHE A 168 -3.82 8.64 -4.83
CA PHE A 168 -4.66 9.63 -5.49
C PHE A 168 -5.94 9.00 -6.03
N ASN A 169 -6.81 8.59 -5.11
CA ASN A 169 -8.07 7.96 -5.46
C ASN A 169 -9.21 8.97 -5.43
N PRO A 170 -9.72 9.34 -6.62
CA PRO A 170 -10.77 10.36 -6.73
C PRO A 170 -12.15 9.79 -6.37
N ASP A 171 -12.25 8.48 -6.27
CA ASP A 171 -13.51 7.85 -5.92
C ASP A 171 -13.80 8.00 -4.43
N SER A 172 -12.76 8.32 -3.66
CA SER A 172 -12.90 8.44 -2.20
C SER A 172 -14.00 9.42 -1.80
N LYS A 173 -14.86 8.98 -0.88
CA LYS A 173 -16.00 9.78 -0.46
C LYS A 173 -15.56 10.86 0.52
N GLY A 174 -16.09 12.06 0.34
CA GLY A 174 -15.81 13.16 1.26
C GLY A 174 -14.84 14.19 0.72
N LEU A 175 -14.21 13.89 -0.41
CA LEU A 175 -13.22 14.81 -0.98
C LEU A 175 -13.84 16.15 -1.35
N SER A 176 -13.16 17.23 -0.97
CA SER A 176 -13.64 18.57 -1.27
C SER A 176 -13.42 18.90 -2.74
N ASN A 177 -12.37 18.31 -3.32
CA ASN A 177 -12.08 18.52 -4.73
C ASN A 177 -11.70 17.21 -5.42
N PRO A 178 -12.72 16.39 -5.77
CA PRO A 178 -12.47 15.12 -6.45
C PRO A 178 -11.74 15.29 -7.79
N ALA A 179 -11.98 16.42 -8.46
CA ALA A 179 -11.39 16.66 -9.77
C ALA A 179 -9.88 16.87 -9.71
N GLU A 180 -9.41 17.53 -8.66
CA GLU A 180 -7.98 17.81 -8.56
C GLU A 180 -7.17 16.55 -8.24
N VAL A 181 -7.73 15.69 -7.39
CA VAL A 181 -7.11 14.42 -7.07
C VAL A 181 -6.96 13.62 -8.35
N GLU A 182 -8.03 13.60 -9.14
CA GLU A 182 -8.03 12.98 -10.45
C GLU A 182 -6.92 13.54 -11.32
N ALA A 183 -6.78 14.86 -11.32
CA ALA A 183 -5.76 15.53 -12.12
C ALA A 183 -4.37 15.04 -11.75
N LEU A 184 -4.17 14.79 -10.46
CA LEU A 184 -2.88 14.32 -9.97
C LEU A 184 -2.65 12.85 -10.34
N ARG A 185 -3.70 12.04 -10.25
CA ARG A 185 -3.60 10.63 -10.63
C ARG A 185 -3.22 10.49 -12.10
N GLU A 186 -3.86 11.29 -12.94
CA GLU A 186 -3.59 11.28 -14.37
C GLU A 186 -2.14 11.62 -14.66
N LYS A 187 -1.58 12.53 -13.88
CA LYS A 187 -0.19 12.95 -14.09
C LYS A 187 0.76 11.91 -13.53
N VAL A 188 0.26 11.02 -12.69
CA VAL A 188 1.10 9.93 -12.19
C VAL A 188 1.22 8.84 -13.22
N TYR A 189 0.13 8.49 -13.89
CA TYR A 189 0.20 7.39 -14.83
C TYR A 189 0.62 7.85 -16.22
N ALA A 190 0.69 9.16 -16.42
CA ALA A 190 1.32 9.69 -17.62
C ALA A 190 2.83 9.51 -17.49
N SER A 191 3.36 9.85 -16.33
CA SER A 191 4.78 9.70 -16.06
C SER A 191 5.20 8.23 -16.01
N LEU A 192 4.29 7.35 -15.61
CA LEU A 192 4.59 5.93 -15.49
C LEU A 192 4.64 5.26 -16.87
N GLU A 193 3.66 5.57 -17.71
CA GLU A 193 3.65 5.04 -19.07
C GLU A 193 4.92 5.43 -19.81
N ALA A 194 5.33 6.68 -19.65
CA ALA A 194 6.54 7.19 -20.28
C ALA A 194 7.78 6.43 -19.81
N TYR A 195 7.91 6.28 -18.49
CA TYR A 195 9.02 5.55 -17.90
C TYR A 195 9.09 4.12 -18.41
N CYS A 196 7.94 3.48 -18.57
CA CYS A 196 7.87 2.10 -19.05
C CYS A 196 8.32 2.00 -20.50
N LYS A 197 7.76 2.85 -21.36
CA LYS A 197 8.08 2.83 -22.78
C LYS A 197 9.56 3.18 -23.01
N HIS A 198 10.15 3.91 -22.06
CA HIS A 198 11.56 4.26 -22.11
C HIS A 198 12.44 3.13 -21.58
N LYS A 199 12.18 2.74 -20.34
CA LYS A 199 13.00 1.75 -19.64
C LYS A 199 12.78 0.34 -20.18
N TYR A 200 11.57 0.06 -20.65
CA TYR A 200 11.26 -1.23 -21.25
C TYR A 200 10.56 -1.07 -22.60
N PRO A 201 11.28 -0.55 -23.61
CA PRO A 201 10.66 -0.36 -24.93
C PRO A 201 10.29 -1.70 -25.55
N GLU A 202 10.93 -2.76 -25.08
CA GLU A 202 10.63 -4.11 -25.52
C GLU A 202 9.19 -4.51 -25.21
N GLN A 203 8.69 -4.06 -24.06
CA GLN A 203 7.40 -4.48 -23.55
C GLN A 203 6.34 -3.38 -23.71
N PRO A 204 5.54 -3.47 -24.79
CA PRO A 204 4.54 -2.43 -25.08
C PRO A 204 3.31 -2.55 -24.18
N GLY A 205 3.07 -3.74 -23.65
CA GLY A 205 1.94 -3.95 -22.74
C GLY A 205 2.35 -3.92 -21.28
N ARG A 206 3.56 -3.45 -20.99
CA ARG A 206 4.03 -3.46 -19.62
C ARG A 206 3.27 -2.45 -18.77
N PHE A 207 2.90 -1.34 -19.38
CA PHE A 207 2.12 -0.31 -18.70
C PHE A 207 0.77 -0.86 -18.27
N ALA A 208 0.08 -1.56 -19.18
CA ALA A 208 -1.23 -2.12 -18.90
C ALA A 208 -1.15 -3.27 -17.88
N LYS A 209 -0.03 -3.97 -17.84
CA LYS A 209 0.14 -5.08 -16.92
C LYS A 209 0.31 -4.54 -15.50
N LEU A 210 0.88 -3.35 -15.39
CA LEU A 210 1.03 -2.73 -14.08
C LEU A 210 -0.34 -2.33 -13.51
N LEU A 211 -1.18 -1.72 -14.34
CA LEU A 211 -2.47 -1.21 -13.87
C LEU A 211 -3.45 -2.35 -13.58
N LEU A 212 -3.29 -3.48 -14.26
CA LEU A 212 -4.26 -4.58 -14.12
C LEU A 212 -3.96 -5.48 -12.93
N ARG A 213 -3.05 -5.05 -12.06
CA ARG A 213 -2.86 -5.68 -10.76
C ARG A 213 -3.67 -4.95 -9.68
N LEU A 214 -4.12 -3.74 -10.00
CA LEU A 214 -4.90 -2.95 -9.05
C LEU A 214 -6.25 -3.57 -8.71
N PRO A 215 -6.94 -4.23 -9.68
CA PRO A 215 -8.15 -4.94 -9.25
C PRO A 215 -7.90 -5.98 -8.16
N ALA A 216 -6.89 -6.83 -8.35
CA ALA A 216 -6.53 -7.83 -7.35
C ALA A 216 -6.14 -7.17 -6.03
N LEU A 217 -5.42 -6.06 -6.12
CA LEU A 217 -4.99 -5.34 -4.93
C LEU A 217 -6.18 -4.76 -4.18
N ARG A 218 -7.17 -4.25 -4.91
CA ARG A 218 -8.41 -3.79 -4.30
C ARG A 218 -9.12 -4.97 -3.62
N SER A 219 -9.20 -6.09 -4.31
CA SER A 219 -9.92 -7.27 -3.83
C SER A 219 -9.27 -7.85 -2.58
N ILE A 220 -7.95 -7.90 -2.58
CA ILE A 220 -7.20 -8.50 -1.50
C ILE A 220 -7.22 -7.59 -0.27
N GLY A 221 -7.21 -6.28 -0.52
CA GLY A 221 -7.30 -5.31 0.56
C GLY A 221 -8.60 -5.44 1.33
N LEU A 222 -9.70 -5.62 0.62
CA LEU A 222 -10.99 -5.75 1.28
C LEU A 222 -11.02 -6.97 2.18
N LYS A 223 -10.50 -8.09 1.69
CA LYS A 223 -10.51 -9.33 2.46
C LYS A 223 -9.55 -9.24 3.66
N CYS A 224 -8.41 -8.59 3.47
CA CYS A 224 -7.47 -8.41 4.57
C CYS A 224 -8.10 -7.54 5.63
N LEU A 225 -8.75 -6.46 5.21
CA LEU A 225 -9.42 -5.55 6.13
C LEU A 225 -10.46 -6.28 6.96
N GLU A 226 -11.25 -7.14 6.32
CA GLU A 226 -12.24 -7.95 7.02
C GLU A 226 -11.58 -8.81 8.09
N HIS A 227 -10.43 -9.41 7.75
CA HIS A 227 -9.68 -10.21 8.71
C HIS A 227 -9.24 -9.35 9.89
N LEU A 228 -8.84 -8.11 9.61
CA LEU A 228 -8.41 -7.18 10.64
C LEU A 228 -9.54 -6.83 11.61
N PHE A 229 -10.75 -6.73 11.09
CA PHE A 229 -11.90 -6.37 11.89
C PHE A 229 -12.29 -7.47 12.86
N PHE A 230 -12.24 -8.72 12.40
CA PHE A 230 -12.56 -9.85 13.25
C PHE A 230 -11.59 -9.91 14.43
N PHE A 231 -10.31 -9.65 14.16
CA PHE A 231 -9.29 -9.59 15.20
C PHE A 231 -9.69 -8.60 16.30
N LYS A 232 -10.00 -7.37 15.90
CA LYS A 232 -10.37 -6.29 16.82
C LYS A 232 -11.63 -6.63 17.61
N LEU A 233 -12.65 -7.12 16.91
CA LEU A 233 -13.91 -7.51 17.53
C LEU A 233 -13.68 -8.55 18.61
N ILE A 234 -13.11 -9.68 18.22
CA ILE A 234 -12.76 -10.75 19.17
C ILE A 234 -11.75 -10.21 20.18
N GLY A 235 -10.93 -9.26 19.74
CA GLY A 235 -10.05 -8.50 20.64
C GLY A 235 -9.07 -9.31 21.46
N ASP A 236 -8.75 -10.51 21.00
CA ASP A 236 -7.79 -11.37 21.68
C ASP A 236 -6.39 -11.10 21.16
N THR A 237 -6.30 -10.34 20.08
CA THR A 237 -5.01 -9.92 19.54
C THR A 237 -4.81 -8.43 19.81
N PRO A 238 -3.69 -8.10 20.47
CA PRO A 238 -3.38 -6.70 20.80
C PRO A 238 -3.30 -5.84 19.54
N ILE A 239 -3.97 -4.70 19.58
CA ILE A 239 -3.97 -3.78 18.44
C ILE A 239 -3.60 -2.38 18.91
N ASP A 240 -2.43 -1.91 18.45
CA ASP A 240 -1.92 -0.63 18.92
C ASP A 240 -2.72 0.54 18.34
N THR A 241 -2.44 1.74 18.85
CA THR A 241 -3.36 2.87 18.73
C THR A 241 -3.58 3.42 17.33
N PHE A 242 -2.55 3.43 16.49
CA PHE A 242 -2.69 4.01 15.17
C PHE A 242 -3.45 3.06 14.24
N LEU A 243 -3.17 1.78 14.37
CA LEU A 243 -3.92 0.77 13.66
C LEU A 243 -5.37 0.78 14.14
N MET A 244 -5.54 0.94 15.45
CA MET A 244 -6.86 1.00 16.06
C MET A 244 -7.65 2.19 15.52
N GLU A 245 -6.94 3.27 15.23
CA GLU A 245 -7.57 4.49 14.73
C GLU A 245 -8.07 4.32 13.28
N MET A 246 -7.34 3.55 12.48
CA MET A 246 -7.72 3.36 11.08
C MET A 246 -8.91 2.41 10.94
N LEU A 247 -9.10 1.55 11.94
CA LEU A 247 -10.19 0.59 11.93
C LEU A 247 -11.49 1.16 12.48
N GLU A 248 -11.49 2.42 12.88
CA GLU A 248 -12.69 2.98 13.49
C GLU A 248 -13.42 3.98 12.58
N ALA A 249 -14.69 4.21 12.90
CA ALA A 249 -15.71 4.74 12.00
C ALA A 249 -15.34 5.98 11.17
N PRO A 250 -15.79 5.98 9.90
CA PRO A 250 -15.80 7.16 9.02
C PRO A 250 -16.98 8.07 9.34
N HIS B 2 -9.42 10.31 16.08
CA HIS B 2 -9.18 10.98 14.80
C HIS B 2 -7.76 11.48 14.70
N LYS B 3 -7.19 11.81 15.85
CA LYS B 3 -6.15 12.81 15.93
C LYS B 3 -4.75 12.38 15.54
N ILE B 4 -4.39 11.12 15.77
CA ILE B 4 -3.01 10.68 15.49
C ILE B 4 -2.62 10.98 14.05
N LEU B 5 -3.56 10.79 13.12
CA LEU B 5 -3.29 11.03 11.71
C LEU B 5 -3.12 12.52 11.38
N HIS B 6 -4.01 13.33 11.93
CA HIS B 6 -3.95 14.79 11.76
C HIS B 6 -2.64 15.38 12.25
N ARG B 7 -2.20 14.95 13.42
CA ARG B 7 -0.93 15.37 14.01
C ARG B 7 0.25 15.10 13.13
N LEU B 8 0.32 13.87 12.62
CA LEU B 8 1.46 13.44 11.85
C LEU B 8 1.54 14.16 10.51
N LEU B 9 0.39 14.56 9.99
CA LEU B 9 0.35 15.28 8.72
C LEU B 9 0.74 16.75 8.89
N GLN B 10 0.52 17.28 10.09
CA GLN B 10 0.85 18.67 10.39
C GLN B 10 2.37 18.85 10.48
N ASP B 11 3.07 17.76 10.75
CA ASP B 11 4.53 17.73 10.92
C ASP B 11 4.94 18.50 12.17
#